data_3W21
#
_entry.id   3W21
#
_cell.length_a   49.593
_cell.length_b   71.143
_cell.length_c   147.876
_cell.angle_alpha   90.00
_cell.angle_beta   90.00
_cell.angle_gamma   90.00
#
_symmetry.space_group_name_H-M   'P 21 21 21'
#
loop_
_entity.id
_entity.type
_entity.pdbx_description
1 polymer 'Putative uncharacterized protein'
2 non-polymer 'ZINC ION'
3 non-polymer '2-OXOGLUTARIC ACID'
4 water water
#
_entity_poly.entity_id   1
_entity_poly.type   'polypeptide(L)'
_entity_poly.pdbx_seq_one_letter_code
;(MSE)QHTYPAQL(MSE)RFGTAARAEH(MSE)TIAAAIHALDADEADAIV(MSE)DIVPDGERDAWWDDEGFSSSPFTK
NAHHAGIVATSVTLGQLQREQGDKLVSKAAEYFGIACRVNDGLRTTRFVRLFSDALDAKPLTIGHDYEVEFLLATRRVYE
PFEAPFNFAPHCDDVSYGRDTVNWPLKRSFPRQLGGFLTIQGADNDAG(MSE)V(MSE)WDNRPESRAALDE(MSE)HAE
YRETGAIAALERAAKI(MSE)LKPQPGQLTLFQSKNLHAIERCTSTRRT(MSE)GLFLIHTEDGWR(MSE)FD
;
_entity_poly.pdbx_strand_id   A,B
#
# COMPACT_ATOMS: atom_id res chain seq x y z
N GLN A 2 4.61 -0.88 -36.50
CA GLN A 2 3.86 -1.68 -35.56
C GLN A 2 3.16 -2.79 -36.30
N HIS A 3 3.02 -3.93 -35.68
CA HIS A 3 2.21 -4.97 -36.28
C HIS A 3 0.78 -4.58 -36.44
N THR A 4 0.17 -5.08 -37.51
CA THR A 4 -1.29 -4.91 -37.63
C THR A 4 -1.85 -6.30 -37.39
N TYR A 5 -3.07 -6.37 -36.87
CA TYR A 5 -3.77 -7.62 -36.67
C TYR A 5 -5.18 -7.56 -37.20
N PRO A 6 -5.75 -8.72 -37.63
CA PRO A 6 -7.17 -8.70 -37.97
C PRO A 6 -8.01 -8.26 -36.75
N ALA A 7 -8.98 -7.40 -37.01
CA ALA A 7 -9.80 -6.78 -35.97
C ALA A 7 -11.26 -6.73 -36.41
N GLN A 8 -12.15 -7.03 -35.47
CA GLN A 8 -13.59 -6.80 -35.64
C GLN A 8 -13.96 -5.62 -34.74
N LEU A 9 -14.53 -4.59 -35.31
CA LEU A 9 -14.92 -3.44 -34.51
C LEU A 9 -16.45 -3.43 -34.39
N ARG A 11 -20.00 -1.77 -32.78
CA ARG A 11 -20.76 -0.65 -32.16
C ARG A 11 -22.17 -1.14 -32.01
N PHE A 12 -22.83 -0.76 -30.91
CA PHE A 12 -24.20 -1.23 -30.62
C PHE A 12 -25.10 -1.00 -31.82
N GLY A 13 -25.92 -2.00 -32.11
CA GLY A 13 -26.96 -1.94 -33.16
C GLY A 13 -26.46 -1.93 -34.59
N THR A 14 -25.19 -2.23 -34.82
CA THR A 14 -24.62 -2.06 -36.16
C THR A 14 -23.63 -3.18 -36.54
N ALA A 15 -23.52 -3.50 -37.84
CA ALA A 15 -22.66 -4.62 -38.30
C ALA A 15 -21.22 -4.34 -37.93
N ALA A 16 -20.46 -5.39 -37.61
CA ALA A 16 -19.06 -5.26 -37.19
C ALA A 16 -18.21 -4.90 -38.41
N ARG A 17 -17.25 -3.99 -38.25
CA ARG A 17 -16.33 -3.65 -39.36
C ARG A 17 -15.11 -4.54 -39.23
N ALA A 18 -14.70 -5.20 -40.32
CA ALA A 18 -13.46 -5.93 -40.34
C ALA A 18 -12.39 -5.00 -40.87
N GLU A 19 -11.24 -5.01 -40.21
CA GLU A 19 -10.16 -4.06 -40.48
C GLU A 19 -8.95 -4.80 -39.95
N HIS A 20 -7.81 -4.68 -40.61
CA HIS A 20 -6.51 -4.99 -40.05
C HIS A 20 -6.05 -3.73 -39.33
N THR A 22 -3.42 -1.83 -35.97
CA THR A 22 -2.38 -1.92 -34.98
C THR A 22 -3.10 -1.86 -33.60
N ILE A 23 -2.43 -2.35 -32.55
CA ILE A 23 -2.98 -2.14 -31.20
C ILE A 23 -3.28 -0.64 -30.93
N ALA A 24 -2.33 0.28 -31.21
CA ALA A 24 -2.61 1.73 -31.04
C ALA A 24 -3.84 2.25 -31.73
N ALA A 25 -4.12 1.77 -32.95
CA ALA A 25 -5.28 2.25 -33.69
C ALA A 25 -6.62 1.80 -33.04
N ALA A 26 -6.68 0.55 -32.59
CA ALA A 26 -7.89 0.02 -31.96
C ALA A 26 -8.14 0.82 -30.67
N ILE A 27 -7.06 1.05 -29.89
CA ILE A 27 -7.16 1.73 -28.61
C ILE A 27 -7.62 3.15 -28.88
N HIS A 28 -7.02 3.82 -29.89
CA HIS A 28 -7.42 5.19 -30.21
C HIS A 28 -8.89 5.21 -30.63
N ALA A 29 -9.37 4.26 -31.43
CA ALA A 29 -10.79 4.31 -31.79
C ALA A 29 -11.70 4.15 -30.58
N LEU A 30 -11.34 3.23 -29.69
CA LEU A 30 -12.11 3.15 -28.42
C LEU A 30 -12.07 4.44 -27.62
N ASP A 31 -10.87 4.97 -27.40
CA ASP A 31 -10.72 6.20 -26.67
C ASP A 31 -11.48 7.34 -27.35
N ALA A 32 -11.59 7.29 -28.65
CA ALA A 32 -12.37 8.31 -29.35
C ALA A 32 -13.89 8.01 -29.31
N ASP A 33 -14.33 6.98 -28.58
CA ASP A 33 -15.77 6.63 -28.60
C ASP A 33 -16.27 6.35 -30.01
N GLU A 34 -15.42 5.75 -30.82
CA GLU A 34 -15.80 5.34 -32.20
C GLU A 34 -16.13 3.85 -32.24
N ALA A 35 -16.00 3.15 -31.10
CA ALA A 35 -16.33 1.71 -31.05
C ALA A 35 -16.66 1.35 -29.61
N ASP A 36 -17.41 0.26 -29.42
CA ASP A 36 -17.78 -0.13 -28.06
C ASP A 36 -16.91 -1.28 -27.61
N ALA A 37 -16.49 -2.11 -28.54
CA ALA A 37 -15.65 -3.25 -28.28
C ALA A 37 -14.88 -3.58 -29.57
N ILE A 38 -13.63 -4.02 -29.43
CA ILE A 38 -12.85 -4.50 -30.61
C ILE A 38 -12.21 -5.85 -30.30
N VAL A 39 -12.36 -6.83 -31.19
CA VAL A 39 -11.78 -8.16 -30.97
C VAL A 39 -10.73 -8.38 -32.06
N ASP A 41 -7.17 -10.60 -33.52
CA ASP A 41 -6.50 -11.87 -33.51
C ASP A 41 -5.01 -11.69 -33.30
N ILE A 42 -4.57 -11.87 -32.05
CA ILE A 42 -3.21 -11.52 -31.70
C ILE A 42 -2.23 -12.69 -31.77
N VAL A 43 -2.58 -13.81 -31.16
CA VAL A 43 -1.59 -14.84 -31.03
C VAL A 43 -2.03 -16.08 -31.83
N PRO A 44 -1.22 -16.49 -32.84
CA PRO A 44 -1.52 -17.68 -33.68
C PRO A 44 -1.46 -18.96 -32.85
N ASP A 45 -2.11 -20.00 -33.38
CA ASP A 45 -2.26 -21.32 -32.73
C ASP A 45 -0.97 -22.01 -32.18
N GLY A 46 0.19 -21.77 -32.77
CA GLY A 46 1.39 -22.30 -32.06
C GLY A 46 1.68 -21.85 -30.61
N GLU A 47 1.14 -20.70 -30.19
CA GLU A 47 1.90 -19.89 -29.23
C GLU A 47 1.14 -19.41 -27.98
N ARG A 48 -0.12 -19.79 -27.85
CA ARG A 48 -0.93 -19.27 -26.76
C ARG A 48 -0.41 -19.69 -25.40
N ASP A 49 0.06 -20.94 -25.26
CA ASP A 49 0.66 -21.38 -24.00
C ASP A 49 1.83 -20.48 -23.59
N ALA A 50 2.65 -20.07 -24.56
CA ALA A 50 3.84 -19.31 -24.25
C ALA A 50 3.52 -17.98 -23.52
N TRP A 51 2.44 -17.31 -23.95
CA TRP A 51 1.98 -16.04 -23.31
C TRP A 51 1.54 -16.24 -21.88
N TRP A 52 0.91 -17.37 -21.60
CA TRP A 52 0.55 -17.71 -20.22
C TRP A 52 1.74 -18.10 -19.31
N ASP A 53 2.69 -18.85 -19.88
CA ASP A 53 3.84 -19.38 -19.17
C ASP A 53 4.96 -18.41 -19.02
N ASP A 54 4.84 -17.25 -19.65
CA ASP A 54 5.76 -16.12 -19.56
C ASP A 54 6.32 -16.01 -18.14
N GLU A 55 7.65 -15.85 -18.00
CA GLU A 55 8.24 -15.83 -16.67
C GLU A 55 7.90 -14.59 -15.84
N GLY A 56 7.49 -13.51 -16.54
CA GLY A 56 6.91 -12.33 -15.91
C GLY A 56 5.79 -12.58 -14.91
N PHE A 57 5.08 -13.72 -15.06
CA PHE A 57 3.95 -14.12 -14.17
C PHE A 57 4.35 -14.87 -12.89
N SER A 58 5.53 -15.50 -12.92
CA SER A 58 6.06 -16.18 -11.77
C SER A 58 7.08 -15.26 -11.14
N SER A 59 6.73 -14.68 -10.01
CA SER A 59 5.46 -14.92 -9.36
C SER A 59 4.99 -13.67 -8.62
N SER A 75 -3.34 -12.42 -6.00
CA SER A 75 -3.39 -10.96 -6.05
C SER A 75 -4.78 -10.35 -5.72
N VAL A 76 -4.76 -9.24 -4.98
CA VAL A 76 -5.93 -8.37 -4.76
C VAL A 76 -6.10 -7.51 -6.01
N THR A 77 -7.33 -7.39 -6.50
CA THR A 77 -7.61 -6.62 -7.72
C THR A 77 -8.15 -5.30 -7.26
N LEU A 78 -8.12 -4.27 -8.13
CA LEU A 78 -8.74 -3.00 -7.80
C LEU A 78 -10.23 -3.18 -7.50
N GLY A 79 -10.92 -4.05 -8.25
CA GLY A 79 -12.38 -4.21 -8.12
C GLY A 79 -12.60 -4.81 -6.74
N GLN A 80 -11.67 -5.65 -6.28
CA GLN A 80 -11.82 -6.25 -4.93
C GLN A 80 -11.57 -5.22 -3.85
N LEU A 81 -10.53 -4.41 -4.05
CA LEU A 81 -10.26 -3.29 -3.21
C LEU A 81 -11.48 -2.35 -3.07
N GLN A 82 -12.14 -2.07 -4.19
CA GLN A 82 -13.27 -1.12 -4.16
C GLN A 82 -14.45 -1.60 -3.30
N ARG A 83 -14.54 -2.89 -3.04
CA ARG A 83 -15.64 -3.44 -2.28
C ARG A 83 -15.49 -3.21 -0.77
N GLU A 84 -14.30 -2.85 -0.29
CA GLU A 84 -14.09 -2.68 1.16
C GLU A 84 -14.49 -1.29 1.66
N GLN A 85 -14.80 -1.16 2.95
CA GLN A 85 -15.22 0.12 3.52
C GLN A 85 -14.46 0.37 4.81
N GLY A 86 -14.23 1.64 5.15
CA GLY A 86 -13.71 2.03 6.48
C GLY A 86 -12.35 1.41 6.76
N ASP A 87 -12.19 0.83 7.96
CA ASP A 87 -10.86 0.32 8.34
C ASP A 87 -10.47 -0.85 7.52
N LYS A 88 -11.45 -1.60 7.04
CA LYS A 88 -11.04 -2.71 6.16
C LYS A 88 -10.53 -2.20 4.78
N LEU A 89 -10.99 -1.02 4.36
CA LEU A 89 -10.40 -0.38 3.19
C LEU A 89 -8.93 0.03 3.38
N VAL A 90 -8.61 0.70 4.49
CA VAL A 90 -7.20 1.04 4.77
C VAL A 90 -6.32 -0.20 4.76
N SER A 91 -6.79 -1.23 5.44
CA SER A 91 -6.14 -2.53 5.48
C SER A 91 -5.96 -3.17 4.08
N LYS A 92 -7.05 -3.34 3.31
CA LYS A 92 -6.93 -4.01 1.98
C LYS A 92 -6.04 -3.16 1.05
N ALA A 93 -6.05 -1.82 1.21
CA ALA A 93 -5.23 -0.99 0.32
C ALA A 93 -3.76 -1.29 0.66
N ALA A 94 -3.44 -1.51 1.96
CA ALA A 94 -2.03 -1.82 2.33
C ALA A 94 -1.64 -3.09 1.57
N GLU A 95 -2.52 -4.06 1.61
CA GLU A 95 -2.27 -5.29 0.93
C GLU A 95 -2.11 -5.11 -0.56
N TYR A 96 -3.01 -4.32 -1.13
CA TYR A 96 -3.03 -4.10 -2.58
C TYR A 96 -1.77 -3.44 -3.07
N PHE A 97 -1.41 -2.29 -2.49
CA PHE A 97 -0.22 -1.55 -2.92
C PHE A 97 1.08 -2.24 -2.45
N GLY A 98 1.06 -2.90 -1.31
CA GLY A 98 2.25 -3.62 -0.88
C GLY A 98 2.55 -4.77 -1.81
N ILE A 99 1.51 -5.40 -2.34
CA ILE A 99 1.68 -6.54 -3.23
C ILE A 99 2.10 -6.12 -4.64
N ALA A 100 1.44 -5.11 -5.19
CA ALA A 100 1.70 -4.60 -6.53
C ALA A 100 3.20 -4.43 -6.77
N CYS A 101 3.93 -3.87 -5.80
CA CYS A 101 5.34 -3.59 -6.04
C CYS A 101 6.13 -4.90 -6.16
N ARG A 102 5.76 -5.95 -5.41
CA ARG A 102 6.44 -7.27 -5.59
C ARG A 102 6.18 -7.87 -6.95
N VAL A 103 4.99 -7.69 -7.47
CA VAL A 103 4.52 -8.52 -8.58
C VAL A 103 4.84 -7.80 -9.93
N ASN A 104 4.79 -6.48 -9.93
CA ASN A 104 4.91 -5.67 -11.15
C ASN A 104 6.27 -5.71 -11.86
N ASP A 105 7.37 -5.93 -11.14
CA ASP A 105 8.66 -5.96 -11.81
C ASP A 105 8.66 -7.07 -12.83
N GLY A 106 8.21 -8.25 -12.43
CA GLY A 106 7.89 -9.32 -13.37
C GLY A 106 6.81 -9.01 -14.43
N LEU A 107 5.66 -8.49 -14.01
CA LEU A 107 4.56 -8.20 -14.94
C LEU A 107 5.00 -7.23 -16.03
N ARG A 108 5.74 -6.18 -15.65
CA ARG A 108 6.40 -5.21 -16.56
C ARG A 108 6.97 -5.89 -17.83
N THR A 109 7.36 -7.14 -17.66
CA THR A 109 8.29 -7.86 -18.52
C THR A 109 7.53 -8.82 -19.42
N THR A 110 6.27 -9.00 -19.07
CA THR A 110 5.46 -10.02 -19.69
C THR A 110 5.07 -9.52 -21.11
N ARG A 111 4.96 -10.43 -22.08
CA ARG A 111 4.66 -9.99 -23.44
C ARG A 111 3.28 -9.41 -23.53
N PHE A 112 2.34 -9.99 -22.74
CA PHE A 112 1.00 -9.35 -22.57
C PHE A 112 1.16 -7.88 -22.18
N VAL A 113 1.81 -7.54 -21.06
CA VAL A 113 1.88 -6.10 -20.66
C VAL A 113 2.63 -5.26 -21.68
N ARG A 114 3.68 -5.85 -22.26
CA ARG A 114 4.47 -5.13 -23.27
C ARG A 114 3.62 -4.81 -24.49
N LEU A 115 2.69 -5.70 -24.81
CA LEU A 115 1.79 -5.40 -25.91
C LEU A 115 1.27 -3.96 -25.80
N PHE A 116 0.90 -3.50 -24.60
CA PHE A 116 0.32 -2.18 -24.43
C PHE A 116 1.38 -1.12 -24.16
N SER A 117 2.37 -1.46 -23.32
CA SER A 117 3.38 -0.46 -23.05
C SER A 117 4.21 -0.18 -24.33
N ASP A 118 4.47 -1.17 -25.16
CA ASP A 118 4.99 -0.79 -26.54
C ASP A 118 4.12 0.05 -27.42
N ALA A 119 2.84 -0.29 -27.49
CA ALA A 119 1.92 0.35 -28.40
C ALA A 119 1.60 1.79 -28.05
N LEU A 120 1.48 2.10 -26.75
CA LEU A 120 0.82 3.33 -26.33
C LEU A 120 1.81 4.13 -25.54
N ASP A 121 2.98 3.54 -25.29
CA ASP A 121 3.93 4.11 -24.32
C ASP A 121 3.26 4.13 -22.94
N ALA A 122 2.45 3.09 -22.66
CA ALA A 122 1.68 3.03 -21.39
C ALA A 122 2.63 2.78 -20.23
N LYS A 123 2.28 3.29 -19.03
CA LYS A 123 3.05 2.96 -17.83
C LYS A 123 2.04 2.48 -16.78
N PRO A 124 2.52 1.81 -15.70
CA PRO A 124 1.57 1.49 -14.62
C PRO A 124 0.93 2.72 -14.02
N LEU A 125 -0.32 2.61 -13.64
CA LEU A 125 -0.99 3.77 -13.03
C LEU A 125 -0.35 3.98 -11.65
N THR A 126 -0.14 5.22 -11.23
CA THR A 126 0.47 5.38 -9.89
C THR A 126 -0.47 6.20 -9.01
N ILE A 127 -0.33 6.05 -7.70
CA ILE A 127 -1.13 6.92 -6.84
C ILE A 127 -0.29 7.94 -6.14
N GLY A 128 -0.84 9.16 -6.22
CA GLY A 128 -0.65 10.29 -5.32
C GLY A 128 0.73 10.88 -5.31
N HIS A 129 1.27 11.07 -6.51
CA HIS A 129 2.72 11.19 -6.70
C HIS A 129 3.42 12.39 -6.04
N ASP A 130 3.77 12.22 -4.77
CA ASP A 130 4.92 12.87 -4.14
C ASP A 130 5.95 11.74 -4.25
N TYR A 131 5.55 10.58 -3.75
CA TYR A 131 6.13 9.30 -4.11
C TYR A 131 5.09 8.69 -5.00
N GLU A 132 5.52 8.05 -6.07
CA GLU A 132 4.56 7.46 -6.98
C GLU A 132 4.60 5.93 -6.80
N VAL A 133 3.58 5.35 -6.17
CA VAL A 133 3.63 3.90 -5.99
C VAL A 133 2.66 3.31 -6.99
N GLU A 134 2.95 2.11 -7.49
CA GLU A 134 2.23 1.55 -8.64
C GLU A 134 0.96 0.77 -8.22
N PHE A 135 -0.07 0.85 -9.03
CA PHE A 135 -1.15 -0.10 -8.94
C PHE A 135 -0.64 -1.42 -9.50
N LEU A 136 -1.34 -2.49 -9.17
CA LEU A 136 -1.09 -3.78 -9.76
C LEU A 136 -1.25 -3.63 -11.28
N LEU A 137 -0.40 -4.31 -12.07
CA LEU A 137 -0.43 -4.01 -13.53
C LEU A 137 -1.48 -4.83 -14.25
N ALA A 138 -1.70 -6.08 -13.82
CA ALA A 138 -2.48 -7.01 -14.64
C ALA A 138 -2.61 -8.31 -13.91
N THR A 139 -3.51 -9.17 -14.40
CA THR A 139 -3.71 -10.50 -13.82
C THR A 139 -3.94 -11.60 -14.83
N ARG A 140 -3.58 -12.81 -14.42
CA ARG A 140 -4.01 -14.02 -15.10
C ARG A 140 -5.21 -14.55 -14.42
N ARG A 141 -6.16 -15.06 -15.19
CA ARG A 141 -7.49 -15.37 -14.61
C ARG A 141 -7.89 -16.77 -15.01
N VAL A 142 -8.22 -17.60 -14.03
CA VAL A 142 -8.80 -18.89 -14.38
C VAL A 142 -10.27 -18.86 -13.95
N TYR A 143 -11.14 -19.27 -14.86
CA TYR A 143 -12.55 -19.37 -14.56
C TYR A 143 -12.87 -20.86 -14.65
N GLU A 144 -13.41 -21.42 -13.55
CA GLU A 144 -13.89 -22.83 -13.55
C GLU A 144 -15.42 -23.03 -13.45
N PRO A 145 -15.92 -24.16 -14.00
CA PRO A 145 -17.33 -24.50 -14.02
C PRO A 145 -18.08 -24.05 -12.77
N PHE A 146 -19.15 -23.29 -12.98
CA PHE A 146 -19.83 -22.57 -11.92
C PHE A 146 -21.32 -22.46 -12.25
N GLU A 147 -22.18 -23.04 -11.40
CA GLU A 147 -23.64 -23.14 -11.65
C GLU A 147 -24.42 -21.80 -11.54
N ALA A 153 -21.65 -12.51 -12.96
CA ALA A 153 -22.65 -11.50 -12.60
C ALA A 153 -22.42 -10.13 -13.32
N PRO A 154 -23.51 -9.49 -13.80
CA PRO A 154 -23.37 -8.22 -14.55
C PRO A 154 -22.65 -7.18 -13.71
N HIS A 155 -21.59 -6.60 -14.28
CA HIS A 155 -20.87 -5.55 -13.56
C HIS A 155 -20.33 -4.55 -14.58
N CYS A 156 -19.85 -3.42 -14.08
CA CYS A 156 -18.99 -2.51 -14.86
C CYS A 156 -17.71 -2.11 -14.10
N ASP A 157 -16.68 -1.71 -14.81
CA ASP A 157 -15.45 -1.35 -14.15
C ASP A 157 -15.17 0.14 -14.39
N ASP A 158 -14.92 0.88 -13.28
CA ASP A 158 -14.66 2.33 -13.35
C ASP A 158 -13.82 2.57 -12.07
N VAL A 159 -12.58 3.04 -12.26
CA VAL A 159 -11.61 3.25 -11.19
C VAL A 159 -12.19 4.06 -10.01
N SER A 160 -13.19 4.90 -10.31
CA SER A 160 -13.87 5.70 -9.27
C SER A 160 -14.94 4.99 -8.44
N TYR A 161 -15.31 3.73 -8.73
CA TYR A 161 -16.52 3.16 -8.13
C TYR A 161 -16.20 2.44 -6.84
N GLY A 162 -15.58 3.11 -5.88
CA GLY A 162 -15.36 2.51 -4.58
C GLY A 162 -16.71 2.47 -3.86
N ARG A 163 -17.03 1.35 -3.23
CA ARG A 163 -18.27 1.25 -2.46
C ARG A 163 -18.34 2.31 -1.36
N ASP A 164 -17.20 2.57 -0.72
CA ASP A 164 -17.18 3.52 0.38
C ASP A 164 -16.88 4.89 -0.17
N THR A 165 -17.95 5.68 -0.44
CA THR A 165 -17.88 6.86 -1.26
C THR A 165 -16.96 7.95 -0.67
N VAL A 166 -17.03 8.14 0.65
CA VAL A 166 -16.30 9.26 1.27
C VAL A 166 -14.82 8.87 1.33
N ASN A 167 -14.52 7.63 1.66
CA ASN A 167 -13.11 7.21 1.85
C ASN A 167 -12.34 6.71 0.59
N TRP A 168 -13.08 6.30 -0.46
CA TRP A 168 -12.43 5.96 -1.75
C TRP A 168 -11.66 7.13 -2.34
N PRO A 169 -10.32 7.01 -2.49
CA PRO A 169 -9.46 8.14 -2.85
C PRO A 169 -9.39 8.44 -4.35
N LEU A 170 -9.98 7.61 -5.20
CA LEU A 170 -9.90 7.91 -6.69
C LEU A 170 -11.27 8.36 -7.11
N LYS A 171 -11.46 9.68 -7.10
CA LYS A 171 -12.77 10.19 -7.22
C LYS A 171 -13.11 10.56 -8.72
N ARG A 172 -12.13 10.48 -9.63
CA ARG A 172 -12.38 10.90 -11.04
C ARG A 172 -12.73 9.71 -11.90
N SER A 173 -13.83 9.82 -12.66
CA SER A 173 -14.26 8.79 -13.60
C SER A 173 -13.64 9.09 -14.96
N PHE A 174 -13.23 8.04 -15.67
CA PHE A 174 -12.74 8.15 -17.06
C PHE A 174 -13.76 7.48 -17.99
N PRO A 175 -14.48 8.28 -18.84
CA PRO A 175 -15.59 7.65 -19.55
C PRO A 175 -15.14 6.63 -20.60
N ARG A 176 -13.88 6.72 -21.04
CA ARG A 176 -13.38 5.78 -22.03
C ARG A 176 -12.49 4.70 -21.35
N GLN A 177 -12.69 4.47 -20.05
CA GLN A 177 -11.81 3.47 -19.43
C GLN A 177 -11.98 2.16 -20.24
N LEU A 178 -10.87 1.48 -20.54
CA LEU A 178 -10.96 0.22 -21.28
C LEU A 178 -10.61 -1.00 -20.51
N GLY A 179 -11.28 -2.13 -20.77
CA GLY A 179 -10.77 -3.41 -20.32
C GLY A 179 -10.13 -4.08 -21.52
N GLY A 180 -9.03 -4.84 -21.28
CA GLY A 180 -8.40 -5.57 -22.39
C GLY A 180 -8.09 -6.95 -21.81
N PHE A 181 -8.56 -7.98 -22.51
CA PHE A 181 -8.21 -9.33 -22.08
C PHE A 181 -7.94 -10.22 -23.29
N LEU A 182 -6.87 -11.01 -23.14
CA LEU A 182 -6.47 -11.98 -24.14
C LEU A 182 -6.97 -13.32 -23.66
N THR A 183 -7.69 -14.03 -24.50
CA THR A 183 -8.16 -15.38 -24.15
C THR A 183 -7.06 -16.39 -24.49
N ILE A 184 -6.77 -17.27 -23.54
CA ILE A 184 -5.74 -18.27 -23.70
C ILE A 184 -6.35 -19.66 -23.90
N GLN A 185 -7.39 -20.01 -23.12
CA GLN A 185 -8.13 -21.26 -23.23
C GLN A 185 -9.62 -20.98 -22.98
N GLY A 186 -10.45 -21.50 -23.89
CA GLY A 186 -11.90 -21.23 -23.91
C GLY A 186 -12.60 -22.44 -23.33
N ALA A 187 -13.79 -22.23 -22.72
CA ALA A 187 -14.57 -23.39 -22.17
C ALA A 187 -15.14 -24.21 -23.32
N ASP A 188 -15.45 -25.47 -23.05
CA ASP A 188 -16.12 -26.36 -24.05
C ASP A 188 -17.41 -25.73 -24.60
N ASN A 189 -18.17 -25.21 -23.61
CA ASN A 189 -19.25 -24.22 -23.67
C ASN A 189 -19.14 -23.07 -24.67
N ASP A 190 -17.89 -22.73 -25.02
CA ASP A 190 -17.57 -21.51 -25.74
C ASP A 190 -18.09 -20.26 -25.00
N ALA A 191 -18.11 -20.33 -23.66
CA ALA A 191 -18.58 -19.20 -22.83
C ALA A 191 -17.90 -17.89 -23.21
N GLY A 192 -18.69 -16.84 -23.35
CA GLY A 192 -18.22 -15.54 -23.86
C GLY A 192 -18.73 -14.38 -23.01
N VAL A 194 -21.26 -10.74 -22.72
CA VAL A 194 -22.37 -9.97 -23.15
C VAL A 194 -22.11 -8.50 -22.67
N TRP A 196 -24.03 -4.65 -22.48
CA TRP A 196 -25.20 -3.86 -22.74
C TRP A 196 -24.96 -2.41 -22.90
N ASP A 197 -25.88 -1.75 -23.60
CA ASP A 197 -25.79 -0.30 -23.79
C ASP A 197 -26.40 0.38 -22.52
N ASN A 198 -25.70 0.22 -21.40
CA ASN A 198 -26.15 0.76 -20.09
C ASN A 198 -24.95 1.03 -19.25
N ARG A 199 -24.88 2.23 -18.69
CA ARG A 199 -23.67 2.56 -17.87
C ARG A 199 -24.07 3.01 -16.43
N PRO A 200 -24.12 2.06 -15.47
CA PRO A 200 -24.47 2.44 -14.08
C PRO A 200 -23.63 3.62 -13.57
N GLU A 201 -24.24 4.50 -12.79
CA GLU A 201 -23.60 5.72 -12.38
C GLU A 201 -22.66 5.63 -11.20
N SER A 202 -22.59 4.50 -10.47
CA SER A 202 -21.76 4.50 -9.28
C SER A 202 -21.80 3.10 -8.74
N ARG A 203 -21.06 2.85 -7.67
CA ARG A 203 -21.00 1.51 -7.14
C ARG A 203 -22.36 1.17 -6.50
N ALA A 204 -22.97 2.14 -5.86
CA ALA A 204 -24.31 1.90 -5.27
C ALA A 204 -25.40 1.52 -6.32
N ALA A 205 -25.37 2.14 -7.49
CA ALA A 205 -26.33 1.83 -8.51
C ALA A 205 -26.10 0.35 -8.94
N LEU A 206 -24.85 -0.06 -9.01
CA LEU A 206 -24.56 -1.39 -9.44
C LEU A 206 -25.01 -2.37 -8.32
N ASP A 207 -24.75 -1.99 -7.07
CA ASP A 207 -25.11 -2.80 -5.92
C ASP A 207 -26.62 -3.02 -5.90
N GLU A 208 -27.37 -2.01 -6.32
CA GLU A 208 -28.82 -2.12 -6.32
CA GLU A 208 -28.85 -2.12 -6.34
C GLU A 208 -29.31 -3.03 -7.45
N HIS A 210 -27.56 -5.60 -8.39
CA HIS A 210 -27.30 -6.90 -7.78
C HIS A 210 -28.42 -7.28 -6.79
N ALA A 211 -28.86 -6.35 -5.94
CA ALA A 211 -30.06 -6.61 -5.14
C ALA A 211 -31.28 -6.93 -6.00
N GLU A 212 -31.51 -6.16 -7.07
CA GLU A 212 -32.67 -6.38 -7.94
C GLU A 212 -32.71 -7.73 -8.62
N TYR A 213 -31.60 -8.21 -9.15
CA TYR A 213 -31.75 -9.46 -9.91
C TYR A 213 -31.82 -10.68 -8.98
N ARG A 214 -31.21 -10.58 -7.80
CA ARG A 214 -31.36 -11.62 -6.75
C ARG A 214 -32.78 -11.77 -6.16
N GLU A 215 -33.65 -10.80 -6.43
CA GLU A 215 -34.99 -10.79 -5.88
C GLU A 215 -36.03 -10.90 -7.00
N THR A 216 -35.55 -10.98 -8.22
CA THR A 216 -36.39 -10.70 -9.38
C THR A 216 -35.98 -11.55 -10.60
N GLY A 217 -34.76 -12.07 -10.62
CA GLY A 217 -34.24 -12.76 -11.80
C GLY A 217 -33.59 -11.83 -12.82
N ALA A 218 -34.29 -10.73 -13.11
CA ALA A 218 -33.87 -9.75 -14.13
C ALA A 218 -33.58 -8.30 -13.61
N ILE A 219 -33.28 -7.41 -14.56
CA ILE A 219 -32.91 -6.06 -14.29
C ILE A 219 -33.76 -5.19 -15.19
N ALA A 220 -34.83 -4.65 -14.61
CA ALA A 220 -35.72 -3.69 -15.29
C ALA A 220 -35.08 -2.90 -16.44
N ALA A 221 -33.91 -2.27 -16.21
CA ALA A 221 -33.39 -1.35 -17.26
C ALA A 221 -32.73 -2.06 -18.45
N LEU A 222 -32.43 -3.35 -18.28
CA LEU A 222 -31.67 -4.10 -19.29
C LEU A 222 -32.49 -4.53 -20.51
N GLU A 223 -33.80 -4.68 -20.35
CA GLU A 223 -34.66 -5.09 -21.47
C GLU A 223 -34.91 -3.98 -22.50
N ARG A 224 -34.60 -2.74 -22.15
CA ARG A 224 -34.61 -1.65 -23.13
C ARG A 224 -33.22 -1.40 -23.75
N ALA A 225 -32.19 -2.08 -23.23
CA ALA A 225 -30.81 -1.83 -23.65
C ALA A 225 -30.30 -2.78 -24.75
N ALA A 226 -29.70 -2.22 -25.79
CA ALA A 226 -29.09 -3.05 -26.87
C ALA A 226 -27.93 -3.81 -26.29
N LYS A 227 -27.65 -4.99 -26.81
CA LYS A 227 -26.60 -5.77 -26.26
C LYS A 227 -25.70 -6.34 -27.36
N ILE A 228 -24.41 -6.42 -27.05
CA ILE A 228 -23.46 -7.00 -27.96
C ILE A 228 -23.08 -8.34 -27.34
N LEU A 230 -20.43 -11.34 -27.38
CA LEU A 230 -19.10 -11.59 -27.85
C LEU A 230 -18.73 -13.04 -27.49
N LYS A 231 -18.01 -13.68 -28.39
CA LYS A 231 -17.45 -14.99 -28.12
C LYS A 231 -15.93 -15.04 -28.44
N PRO A 232 -15.09 -14.43 -27.58
CA PRO A 232 -13.72 -14.39 -27.98
C PRO A 232 -13.08 -15.78 -27.85
N GLN A 233 -12.19 -16.03 -28.81
CA GLN A 233 -11.54 -17.35 -29.06
C GLN A 233 -10.10 -17.32 -28.55
N PRO A 234 -9.51 -18.50 -28.23
CA PRO A 234 -8.11 -18.46 -27.81
C PRO A 234 -7.24 -17.69 -28.83
N GLY A 235 -6.33 -16.87 -28.35
CA GLY A 235 -5.51 -16.03 -29.22
C GLY A 235 -6.09 -14.65 -29.47
N GLN A 236 -7.38 -14.46 -29.17
CA GLN A 236 -8.04 -13.17 -29.44
C GLN A 236 -7.97 -12.19 -28.24
N LEU A 237 -7.71 -10.92 -28.53
CA LEU A 237 -7.70 -9.88 -27.53
C LEU A 237 -8.99 -9.10 -27.63
N THR A 238 -9.73 -8.97 -26.52
CA THR A 238 -10.92 -8.21 -26.55
C THR A 238 -10.69 -6.88 -25.76
N LEU A 239 -10.91 -5.78 -26.44
CA LEU A 239 -10.75 -4.43 -25.90
C LEU A 239 -12.19 -3.82 -25.87
N PHE A 240 -12.56 -3.20 -24.78
CA PHE A 240 -13.92 -2.67 -24.67
C PHE A 240 -14.02 -1.57 -23.62
N GLN A 241 -15.11 -0.78 -23.70
CA GLN A 241 -15.32 0.35 -22.79
C GLN A 241 -15.97 -0.30 -21.53
N SER A 242 -15.20 -0.36 -20.45
CA SER A 242 -15.58 -1.19 -19.28
C SER A 242 -16.66 -0.51 -18.40
N LYS A 243 -16.99 0.75 -18.67
CA LYS A 243 -18.13 1.38 -17.98
C LYS A 243 -19.53 0.84 -18.44
N ASN A 244 -19.60 0.22 -19.62
CA ASN A 244 -20.84 -0.45 -20.05
C ASN A 244 -21.03 -1.72 -19.28
N LEU A 245 -22.23 -1.93 -18.74
CA LEU A 245 -22.48 -3.22 -18.03
C LEU A 245 -22.09 -4.42 -18.92
N HIS A 246 -21.45 -5.41 -18.34
CA HIS A 246 -21.11 -6.62 -19.09
C HIS A 246 -21.07 -7.80 -18.15
N ALA A 247 -20.98 -9.01 -18.71
CA ALA A 247 -20.98 -10.19 -17.83
C ALA A 247 -20.42 -11.32 -18.63
N ILE A 248 -19.72 -12.23 -17.97
CA ILE A 248 -19.15 -13.38 -18.67
C ILE A 248 -20.06 -14.61 -18.47
N GLU A 249 -20.31 -15.38 -19.53
CA GLU A 249 -21.25 -16.49 -19.42
C GLU A 249 -20.70 -17.60 -18.52
N ARG A 250 -21.64 -18.38 -17.97
CA ARG A 250 -21.34 -19.62 -17.29
C ARG A 250 -20.38 -20.44 -18.15
N CYS A 251 -19.26 -20.90 -17.59
CA CYS A 251 -18.31 -21.82 -18.27
C CYS A 251 -18.65 -23.28 -17.98
N THR A 252 -18.60 -24.16 -19.00
CA THR A 252 -18.71 -25.62 -18.77
C THR A 252 -17.38 -26.27 -18.39
N SER A 253 -16.29 -25.90 -19.07
CA SER A 253 -14.94 -26.32 -18.64
C SER A 253 -14.02 -25.11 -18.32
N THR A 254 -12.77 -25.41 -17.94
CA THR A 254 -11.85 -24.35 -17.55
C THR A 254 -11.58 -23.38 -18.68
N ARG A 255 -11.62 -22.08 -18.33
CA ARG A 255 -11.38 -20.96 -19.26
C ARG A 255 -10.23 -20.15 -18.65
N ARG A 256 -9.27 -19.77 -19.49
CA ARG A 256 -8.13 -19.00 -19.01
C ARG A 256 -7.99 -17.69 -19.83
N THR A 257 -7.80 -16.58 -19.12
CA THR A 257 -7.55 -15.25 -19.72
C THR A 257 -6.49 -14.48 -18.93
N GLY A 259 -5.70 -10.23 -18.15
CA GLY A 259 -6.40 -8.96 -18.42
C GLY A 259 -5.76 -7.78 -17.72
N LEU A 260 -6.11 -6.59 -18.18
CA LEU A 260 -5.80 -5.39 -17.43
C LEU A 260 -6.78 -4.30 -17.90
N PHE A 261 -6.69 -3.10 -17.33
CA PHE A 261 -7.50 -1.99 -17.75
C PHE A 261 -6.62 -0.80 -18.12
N LEU A 262 -7.16 0.11 -18.89
CA LEU A 262 -6.40 1.31 -19.35
C LEU A 262 -7.23 2.53 -19.09
N ILE A 263 -6.59 3.59 -18.62
CA ILE A 263 -7.19 4.93 -18.68
C ILE A 263 -6.19 5.86 -19.35
N HIS A 264 -6.70 6.87 -20.01
CA HIS A 264 -5.83 7.80 -20.75
C HIS A 264 -5.72 9.04 -19.92
N THR A 265 -4.63 9.21 -19.19
CA THR A 265 -4.60 10.35 -18.24
C THR A 265 -3.91 11.49 -18.95
N GLU A 266 -3.95 12.68 -18.37
CA GLU A 266 -3.10 13.80 -18.83
C GLU A 266 -1.63 13.41 -19.01
N ASP A 267 -1.11 12.45 -18.26
CA ASP A 267 0.34 12.11 -18.41
C ASP A 267 0.57 10.97 -19.40
N GLY A 268 -0.50 10.46 -19.99
CA GLY A 268 -0.34 9.33 -20.87
C GLY A 268 -1.20 8.13 -20.38
N TRP A 269 -1.14 7.02 -21.14
CA TRP A 269 -1.93 5.78 -20.98
C TRP A 269 -1.43 5.13 -19.76
N ARG A 270 -2.31 4.74 -18.84
CA ARG A 270 -1.85 4.01 -17.66
C ARG A 270 -2.63 2.68 -17.56
N PHE A 272 -3.70 -0.77 -15.14
CA PHE A 272 -3.94 -1.19 -13.78
C PHE A 272 -4.91 -2.36 -13.85
N ASP A 273 -4.90 -3.18 -12.78
CA ASP A 273 -5.86 -4.26 -12.64
C ASP A 273 -6.21 -4.40 -11.15
N GLN B 2 26.77 -12.59 21.89
CA GLN B 2 26.36 -11.29 21.45
C GLN B 2 27.24 -10.19 22.02
N HIS B 3 27.33 -9.05 21.33
CA HIS B 3 28.16 -7.97 21.85
C HIS B 3 27.63 -7.45 23.15
N THR B 4 28.48 -6.91 24.00
CA THR B 4 28.01 -6.26 25.25
C THR B 4 28.54 -4.81 25.30
N TYR B 5 27.74 -3.91 25.88
CA TYR B 5 27.97 -2.49 25.80
C TYR B 5 27.63 -1.78 27.10
N PRO B 6 28.31 -0.63 27.40
CA PRO B 6 27.91 0.22 28.54
C PRO B 6 26.46 0.67 28.35
N ALA B 7 25.69 0.71 29.43
CA ALA B 7 24.28 1.09 29.30
C ALA B 7 23.96 1.96 30.53
N GLN B 8 23.20 3.02 30.35
CA GLN B 8 22.62 3.72 31.52
C GLN B 8 21.18 3.41 31.53
N LEU B 9 20.67 3.00 32.66
CA LEU B 9 19.26 2.62 32.82
C LEU B 9 18.53 3.64 33.65
N ARG B 11 14.94 5.41 35.25
CA ARG B 11 13.56 5.17 35.70
C ARG B 11 13.05 6.42 36.42
N PHE B 12 11.79 6.77 36.24
CA PHE B 12 11.27 7.99 36.87
C PHE B 12 11.55 8.04 38.35
N GLY B 13 12.19 9.13 38.80
CA GLY B 13 12.36 9.40 40.24
C GLY B 13 13.27 8.43 41.00
N THR B 14 13.94 7.53 40.28
CA THR B 14 14.98 6.67 40.89
C THR B 14 16.34 7.05 40.30
N ALA B 15 17.43 6.70 40.97
CA ALA B 15 18.78 7.06 40.49
C ALA B 15 19.08 6.23 39.22
N ALA B 16 19.66 6.87 38.19
CA ALA B 16 20.11 6.20 36.95
C ALA B 16 21.13 5.12 37.33
N ARG B 17 20.91 3.90 36.85
CA ARG B 17 21.79 2.79 37.15
C ARG B 17 22.81 2.71 36.03
N ALA B 18 24.02 2.27 36.31
CA ALA B 18 25.01 2.01 35.26
C ALA B 18 25.20 0.49 35.09
N GLU B 19 25.05 -0.03 33.90
CA GLU B 19 25.16 -1.50 33.74
C GLU B 19 25.96 -1.76 32.51
N HIS B 20 26.11 -3.03 32.15
CA HIS B 20 26.80 -3.36 30.94
C HIS B 20 26.12 -4.61 30.38
N THR B 22 23.85 -6.80 26.86
CA THR B 22 23.61 -7.04 25.41
C THR B 22 22.43 -6.14 24.99
N ILE B 23 22.31 -5.84 23.70
CA ILE B 23 21.04 -5.28 23.20
C ILE B 23 19.80 -6.08 23.66
N ALA B 24 19.84 -7.41 23.54
CA ALA B 24 18.70 -8.20 23.99
C ALA B 24 18.24 -7.91 25.43
N ALA B 25 19.20 -7.86 26.33
CA ALA B 25 18.96 -7.76 27.77
C ALA B 25 18.37 -6.37 28.07
N ALA B 26 18.88 -5.34 27.38
CA ALA B 26 18.32 -3.96 27.54
C ALA B 26 16.84 -3.93 27.12
N ILE B 27 16.56 -4.49 25.93
CA ILE B 27 15.16 -4.54 25.41
C ILE B 27 14.27 -5.33 26.38
N HIS B 28 14.78 -6.47 26.87
CA HIS B 28 13.96 -7.21 27.86
C HIS B 28 13.76 -6.45 29.17
N ALA B 29 14.76 -5.69 29.56
CA ALA B 29 14.61 -4.89 30.81
C ALA B 29 13.44 -3.96 30.59
N LEU B 30 13.46 -3.21 29.44
CA LEU B 30 12.30 -2.35 29.05
C LEU B 30 10.97 -3.06 29.03
N ASP B 31 10.93 -4.22 28.34
CA ASP B 31 9.69 -4.97 28.11
C ASP B 31 9.08 -5.55 29.43
N ALA B 32 9.95 -5.67 30.42
CA ALA B 32 9.51 -6.14 31.77
C ALA B 32 9.13 -4.95 32.61
N ASP B 33 9.15 -3.73 32.02
CA ASP B 33 8.80 -2.52 32.74
C ASP B 33 9.76 -2.23 33.92
N GLU B 34 11.02 -2.58 33.74
CA GLU B 34 12.03 -2.39 34.76
C GLU B 34 12.92 -1.24 34.44
N ALA B 35 12.61 -0.59 33.32
CA ALA B 35 13.31 0.66 32.97
C ALA B 35 12.37 1.51 32.13
N ASP B 36 12.58 2.85 32.15
CA ASP B 36 11.83 3.75 31.27
C ASP B 36 12.58 4.12 30.03
N ALA B 37 13.91 4.17 30.14
CA ALA B 37 14.74 4.41 28.97
C ALA B 37 16.08 3.82 29.34
N ILE B 38 16.86 3.46 28.33
CA ILE B 38 18.21 2.95 28.46
C ILE B 38 19.06 3.52 27.36
N VAL B 39 20.23 4.06 27.69
CA VAL B 39 21.12 4.65 26.69
C VAL B 39 22.42 3.84 26.66
N ASP B 41 26.17 2.66 24.70
CA ASP B 41 27.24 3.10 23.82
C ASP B 41 27.50 2.01 22.85
N ILE B 42 27.03 2.21 21.64
CA ILE B 42 27.08 1.15 20.65
C ILE B 42 28.21 1.24 19.63
N VAL B 43 28.38 2.39 19.04
CA VAL B 43 29.32 2.49 17.89
C VAL B 43 30.60 3.30 18.27
N PRO B 44 31.79 2.71 18.06
CA PRO B 44 33.06 3.36 18.34
C PRO B 44 33.27 4.54 17.42
N ASP B 45 33.90 5.58 17.97
CA ASP B 45 33.98 6.94 17.37
C ASP B 45 34.37 7.01 15.89
N GLY B 46 35.31 6.20 15.47
CA GLY B 46 35.60 6.26 14.03
C GLY B 46 34.66 5.52 13.07
N GLU B 47 33.57 4.95 13.57
CA GLU B 47 32.72 4.09 12.73
C GLU B 47 31.29 4.63 12.47
N ARG B 48 30.95 5.77 13.04
CA ARG B 48 29.59 6.31 13.00
C ARG B 48 29.12 6.61 11.59
N ASP B 49 29.91 7.37 10.81
CA ASP B 49 29.48 7.71 9.46
C ASP B 49 29.20 6.49 8.56
N ALA B 50 29.85 5.37 8.84
CA ALA B 50 29.64 4.21 8.02
C ALA B 50 28.26 3.60 8.28
N TRP B 51 27.73 3.78 9.50
CA TRP B 51 26.40 3.27 9.81
C TRP B 51 25.39 4.07 9.04
N TRP B 52 25.61 5.38 8.92
CA TRP B 52 24.77 6.29 8.08
C TRP B 52 24.82 6.02 6.60
N ASP B 53 26.01 5.75 6.08
CA ASP B 53 26.23 5.50 4.64
C ASP B 53 26.05 4.05 4.24
N ASP B 54 25.58 3.26 5.19
CA ASP B 54 25.24 1.89 4.95
C ASP B 54 24.43 1.74 3.66
N GLU B 55 24.91 0.88 2.78
CA GLU B 55 24.34 0.68 1.44
C GLU B 55 22.89 0.29 1.43
N GLY B 56 22.48 -0.53 2.38
CA GLY B 56 21.05 -0.88 2.51
C GLY B 56 20.08 0.28 2.68
N PHE B 57 20.55 1.48 3.00
CA PHE B 57 19.69 2.65 3.03
C PHE B 57 19.48 3.27 1.62
N SER B 58 18.96 2.56 0.63
CA SER B 58 18.62 3.22 -0.65
C SER B 58 17.53 2.51 -1.46
N SER B 75 10.37 10.50 3.23
CA SER B 75 9.49 9.33 3.18
C SER B 75 8.36 9.38 4.21
N VAL B 76 7.47 8.41 4.15
CA VAL B 76 6.29 8.46 4.98
C VAL B 76 6.46 7.61 6.25
N THR B 77 6.25 8.20 7.41
CA THR B 77 6.38 7.45 8.65
C THR B 77 5.01 7.01 9.11
N LEU B 78 4.95 5.99 9.98
CA LEU B 78 3.70 5.61 10.62
C LEU B 78 3.05 6.76 11.37
N GLY B 79 3.84 7.59 12.05
CA GLY B 79 3.31 8.71 12.82
C GLY B 79 2.60 9.74 11.94
N GLN B 80 3.20 10.01 10.77
CA GLN B 80 2.54 10.84 9.75
C GLN B 80 1.28 10.17 9.19
N LEU B 81 1.32 8.85 8.90
CA LEU B 81 0.23 8.15 8.34
C LEU B 81 -0.96 8.27 9.30
N GLN B 82 -0.65 8.15 10.59
CA GLN B 82 -1.66 8.24 11.66
C GLN B 82 -2.46 9.59 11.71
N ARG B 83 -1.88 10.67 11.19
CA ARG B 83 -2.48 11.98 11.35
C ARG B 83 -3.51 12.16 10.27
N GLU B 84 -3.57 11.21 9.31
CA GLU B 84 -4.41 11.39 8.11
C GLU B 84 -5.79 10.79 8.36
N GLN B 85 -6.83 11.38 7.72
CA GLN B 85 -8.23 10.88 7.85
C GLN B 85 -8.93 10.68 6.52
N GLY B 86 -9.88 9.75 6.50
CA GLY B 86 -10.79 9.60 5.40
C GLY B 86 -10.09 9.17 4.12
N ASP B 87 -10.47 9.76 2.98
CA ASP B 87 -9.82 9.31 1.71
C ASP B 87 -8.31 9.55 1.72
N LYS B 88 -7.89 10.58 2.46
CA LYS B 88 -6.47 10.88 2.54
C LYS B 88 -5.67 9.82 3.29
N LEU B 89 -6.35 9.15 4.22
CA LEU B 89 -5.69 8.09 4.96
C LEU B 89 -5.47 6.90 4.04
N VAL B 90 -6.47 6.56 3.20
CA VAL B 90 -6.36 5.44 2.29
C VAL B 90 -5.23 5.73 1.30
N SER B 91 -5.17 6.98 0.79
CA SER B 91 -4.16 7.34 -0.18
C SER B 91 -2.75 7.36 0.38
N LYS B 92 -2.64 7.90 1.58
CA LYS B 92 -1.34 7.94 2.25
C LYS B 92 -0.93 6.55 2.69
N ALA B 93 -1.89 5.69 2.97
CA ALA B 93 -1.55 4.28 3.30
C ALA B 93 -1.02 3.59 2.06
N ALA B 94 -1.62 3.88 0.90
CA ALA B 94 -1.13 3.29 -0.34
C ALA B 94 0.33 3.66 -0.51
N GLU B 95 0.65 4.93 -0.30
CA GLU B 95 2.00 5.42 -0.44
C GLU B 95 2.94 4.79 0.58
N TYR B 96 2.50 4.73 1.85
CA TYR B 96 3.34 4.19 2.95
C TYR B 96 3.72 2.70 2.70
N PHE B 97 2.73 1.88 2.40
CA PHE B 97 2.98 0.48 2.11
C PHE B 97 3.68 0.20 0.78
N GLY B 98 3.40 1.04 -0.22
CA GLY B 98 4.15 0.98 -1.50
C GLY B 98 5.65 1.30 -1.35
N ILE B 99 5.97 2.27 -0.51
CA ILE B 99 7.38 2.63 -0.27
C ILE B 99 8.06 1.53 0.51
N ALA B 100 7.35 1.01 1.51
CA ALA B 100 7.92 -0.04 2.34
C ALA B 100 8.29 -1.25 1.50
N CYS B 101 7.43 -1.61 0.55
CA CYS B 101 7.70 -2.68 -0.41
C CYS B 101 9.01 -2.36 -1.16
N ARG B 102 9.25 -1.10 -1.50
CA ARG B 102 10.43 -0.68 -2.29
C ARG B 102 11.73 -0.73 -1.48
N VAL B 103 11.69 -0.28 -0.22
CA VAL B 103 12.90 0.00 0.52
C VAL B 103 13.33 -1.02 1.59
N ASN B 104 12.39 -1.79 2.14
CA ASN B 104 12.67 -2.73 3.24
C ASN B 104 13.76 -3.80 2.95
N ASP B 105 13.86 -4.24 1.68
CA ASP B 105 14.83 -5.26 1.33
C ASP B 105 16.26 -4.78 1.66
N GLY B 106 16.62 -3.59 1.19
CA GLY B 106 17.82 -2.87 1.65
C GLY B 106 17.88 -2.55 3.14
N LEU B 107 16.80 -2.00 3.70
CA LEU B 107 16.78 -1.69 5.16
C LEU B 107 17.13 -2.90 6.00
N ARG B 108 16.67 -4.08 5.61
CA ARG B 108 16.94 -5.25 6.44
C ARG B 108 18.43 -5.50 6.62
N THR B 109 19.18 -4.93 5.71
CA THR B 109 20.56 -5.34 5.48
C THR B 109 21.44 -4.36 6.29
N THR B 110 20.88 -3.24 6.70
CA THR B 110 21.71 -2.24 7.30
C THR B 110 22.18 -2.75 8.67
N ARG B 111 23.33 -2.25 9.11
CA ARG B 111 23.76 -2.51 10.50
C ARG B 111 22.73 -2.15 11.58
N PHE B 112 21.96 -1.10 11.32
CA PHE B 112 21.05 -0.57 12.29
C PHE B 112 19.88 -1.50 12.58
N VAL B 113 19.24 -1.94 11.51
CA VAL B 113 18.14 -2.84 11.61
C VAL B 113 18.62 -4.18 12.17
N ARG B 114 19.80 -4.64 11.73
CA ARG B 114 20.34 -5.93 12.15
C ARG B 114 20.64 -5.98 13.67
N LEU B 115 20.94 -4.86 14.28
CA LEU B 115 21.03 -4.84 15.75
C LEU B 115 19.82 -5.48 16.38
N PHE B 116 18.65 -5.16 15.82
CA PHE B 116 17.42 -5.67 16.36
C PHE B 116 17.01 -7.02 15.85
N SER B 117 17.20 -7.25 14.56
CA SER B 117 16.77 -8.55 14.06
C SER B 117 17.73 -9.66 14.61
N ASP B 118 19.02 -9.37 14.76
CA ASP B 118 19.98 -10.30 15.47
C ASP B 118 19.69 -10.54 16.92
N ALA B 119 19.38 -9.49 17.68
CA ALA B 119 19.23 -9.61 19.11
C ALA B 119 17.90 -10.23 19.50
N LEU B 120 16.87 -10.07 18.67
CA LEU B 120 15.50 -10.39 19.11
C LEU B 120 14.86 -11.34 18.14
N ASP B 121 15.56 -11.67 17.05
CA ASP B 121 14.89 -12.34 15.98
C ASP B 121 13.70 -11.44 15.51
N ALA B 122 13.85 -10.11 15.55
CA ALA B 122 12.72 -9.25 15.22
C ALA B 122 12.50 -9.36 13.72
N LYS B 123 11.25 -9.16 13.28
CA LYS B 123 10.91 -9.09 11.83
C LYS B 123 10.10 -7.79 11.57
N PRO B 124 9.98 -7.32 10.27
CA PRO B 124 9.11 -6.15 10.03
C PRO B 124 7.68 -6.43 10.48
N LEU B 125 7.02 -5.47 11.10
CA LEU B 125 5.61 -5.60 11.36
C LEU B 125 4.90 -5.86 10.05
N THR B 126 3.84 -6.68 10.09
CA THR B 126 3.11 -6.95 8.85
C THR B 126 1.62 -6.70 9.07
N ILE B 127 0.90 -6.46 7.98
CA ILE B 127 -0.56 -6.27 8.04
C ILE B 127 -1.17 -7.15 6.95
N GLY B 128 -2.40 -7.57 7.18
CA GLY B 128 -3.11 -8.49 6.26
C GLY B 128 -3.13 -9.96 6.71
N HIS B 129 -4.34 -10.53 6.79
CA HIS B 129 -4.51 -11.97 7.01
C HIS B 129 -4.22 -12.80 5.74
N ASP B 130 -4.57 -12.28 4.56
CA ASP B 130 -4.53 -13.05 3.31
C ASP B 130 -3.23 -12.99 2.49
N TYR B 131 -2.65 -11.80 2.37
CA TYR B 131 -1.24 -11.64 1.99
C TYR B 131 -0.67 -10.72 3.05
N GLU B 132 0.55 -11.00 3.49
CA GLU B 132 1.14 -10.22 4.58
C GLU B 132 2.07 -9.16 3.97
N VAL B 133 1.77 -7.88 4.17
CA VAL B 133 2.69 -6.90 3.66
C VAL B 133 3.35 -6.14 4.82
N GLU B 134 4.56 -5.66 4.57
CA GLU B 134 5.41 -5.06 5.59
C GLU B 134 5.13 -3.57 5.83
N PHE B 135 5.18 -3.15 7.11
CA PHE B 135 5.41 -1.75 7.45
C PHE B 135 6.85 -1.37 7.11
N LEU B 136 7.08 -0.09 6.97
CA LEU B 136 8.38 0.45 6.82
C LEU B 136 9.23 0.11 8.04
N LEU B 137 10.48 -0.22 7.77
CA LEU B 137 11.36 -0.78 8.81
C LEU B 137 11.94 0.33 9.73
N ALA B 138 12.40 1.42 9.13
CA ALA B 138 13.31 2.32 9.82
C ALA B 138 13.50 3.53 8.93
N THR B 139 13.92 4.63 9.52
CA THR B 139 14.23 5.87 8.72
C THR B 139 15.46 6.53 9.31
N ARG B 140 16.18 7.26 8.46
CA ARG B 140 17.27 8.17 8.85
C ARG B 140 16.64 9.55 8.84
N ARG B 141 16.93 10.32 9.88
CA ARG B 141 16.25 11.54 10.16
C ARG B 141 17.38 12.56 10.18
N VAL B 142 17.20 13.70 9.51
CA VAL B 142 18.11 14.86 9.74
C VAL B 142 17.38 16.07 10.30
N TYR B 143 17.95 16.68 11.35
CA TYR B 143 17.37 17.84 12.05
C TYR B 143 18.23 19.05 11.74
N GLU B 144 17.61 20.12 11.25
CA GLU B 144 18.38 21.30 10.84
C GLU B 144 18.05 22.53 11.71
N PRO B 145 19.05 23.37 12.05
CA PRO B 145 18.72 24.56 12.82
C PRO B 145 17.97 25.58 11.97
N ALA B 153 6.78 20.23 20.17
CA ALA B 153 5.67 19.91 21.08
C ALA B 153 5.61 18.40 21.41
N PRO B 154 5.41 18.08 22.70
CA PRO B 154 5.32 16.73 23.22
C PRO B 154 4.44 15.77 22.39
N HIS B 155 4.92 14.54 22.21
CA HIS B 155 4.09 13.50 21.61
C HIS B 155 4.38 12.18 22.28
N CYS B 156 3.64 11.15 21.91
CA CYS B 156 3.96 9.83 22.40
C CYS B 156 3.65 8.99 21.20
N ASP B 157 4.29 7.83 21.08
CA ASP B 157 4.02 6.95 19.91
C ASP B 157 3.43 5.65 20.40
N ASP B 158 2.31 5.30 19.78
CA ASP B 158 1.56 4.10 20.06
C ASP B 158 0.95 3.68 18.75
N VAL B 159 1.26 2.47 18.32
CA VAL B 159 0.85 2.00 17.00
C VAL B 159 -0.67 2.11 16.77
N SER B 160 -1.46 2.08 17.83
CA SER B 160 -2.90 2.15 17.66
C SER B 160 -3.48 3.55 17.59
N TYR B 161 -2.68 4.59 17.79
CA TYR B 161 -3.21 5.97 17.88
C TYR B 161 -3.41 6.71 16.51
N GLY B 162 -4.19 6.15 15.63
CA GLY B 162 -4.54 6.90 14.43
C GLY B 162 -5.55 7.97 14.85
N ARG B 163 -5.52 9.07 14.13
CA ARG B 163 -6.47 10.16 14.43
C ARG B 163 -7.84 9.72 14.04
N ASP B 164 -7.93 9.07 12.89
CA ASP B 164 -9.22 8.60 12.39
C ASP B 164 -9.57 7.19 12.95
N THR B 165 -10.12 7.20 14.17
CA THR B 165 -10.45 6.02 14.98
C THR B 165 -11.21 4.92 14.26
N VAL B 166 -12.35 5.30 13.66
CA VAL B 166 -13.22 4.36 12.95
C VAL B 166 -12.44 3.70 11.80
N ASN B 167 -11.57 4.46 11.12
CA ASN B 167 -10.80 3.92 9.93
C ASN B 167 -9.38 3.37 10.22
N TRP B 168 -8.86 3.62 11.43
CA TRP B 168 -7.54 3.11 11.74
C TRP B 168 -7.57 1.65 11.90
N PRO B 169 -6.78 0.91 11.10
CA PRO B 169 -6.94 -0.55 11.30
C PRO B 169 -6.17 -1.23 12.44
N LEU B 170 -5.24 -0.54 13.12
CA LEU B 170 -4.49 -1.17 14.23
C LEU B 170 -5.10 -0.73 15.55
N LYS B 171 -5.80 -1.64 16.22
CA LYS B 171 -6.59 -1.32 17.40
C LYS B 171 -5.96 -1.71 18.72
N ARG B 172 -4.91 -2.56 18.69
CA ARG B 172 -4.27 -3.04 19.93
C ARG B 172 -3.13 -2.12 20.33
N SER B 173 -3.15 -1.60 21.58
CA SER B 173 -2.10 -0.77 22.12
C SER B 173 -1.17 -1.73 22.86
N PHE B 174 0.13 -1.54 22.71
CA PHE B 174 1.16 -2.34 23.39
C PHE B 174 1.79 -1.50 24.49
N PRO B 175 1.50 -1.84 25.76
CA PRO B 175 1.99 -0.93 26.80
C PRO B 175 3.50 -0.68 26.76
N ARG B 176 4.28 -1.70 26.37
CA ARG B 176 5.74 -1.56 26.40
C ARG B 176 6.29 -1.20 25.01
N GLN B 177 5.46 -0.65 24.13
CA GLN B 177 5.98 -0.16 22.83
C GLN B 177 7.29 0.60 22.99
N LEU B 178 8.35 0.25 22.18
CA LEU B 178 9.61 0.93 22.34
C LEU B 178 9.98 1.80 21.17
N GLY B 179 10.65 2.90 21.44
CA GLY B 179 11.36 3.61 20.38
C GLY B 179 12.85 3.33 20.56
N GLY B 180 13.56 3.19 19.44
CA GLY B 180 14.99 2.98 19.46
C GLY B 180 15.59 3.89 18.42
N PHE B 181 16.47 4.81 18.84
CA PHE B 181 17.21 5.58 17.86
C PHE B 181 18.69 5.69 18.20
N LEU B 182 19.53 5.49 17.18
CA LEU B 182 20.98 5.65 17.21
C LEU B 182 21.37 7.07 16.75
N THR B 183 22.08 7.80 17.58
CA THR B 183 22.44 9.15 17.23
C THR B 183 23.77 9.07 16.50
N ILE B 184 23.82 9.74 15.38
CA ILE B 184 25.04 9.65 14.58
C ILE B 184 25.89 10.92 14.67
N GLN B 185 25.20 12.06 14.65
CA GLN B 185 25.85 13.40 14.72
C GLN B 185 25.05 14.24 15.72
N GLY B 186 25.73 14.77 16.72
CA GLY B 186 25.04 15.51 17.77
C GLY B 186 25.11 16.98 17.42
N ALA B 187 24.25 17.76 18.09
CA ALA B 187 24.23 19.23 17.92
C ALA B 187 25.19 19.94 18.88
N ASP B 188 25.61 21.13 18.48
CA ASP B 188 26.53 21.97 19.26
C ASP B 188 26.06 22.14 20.69
N ASN B 189 24.75 22.45 20.84
CA ASN B 189 24.11 22.62 22.15
C ASN B 189 23.91 21.33 22.97
N ASP B 190 24.22 20.17 22.36
CA ASP B 190 24.03 18.88 23.00
C ASP B 190 22.55 18.73 23.40
N ALA B 191 21.69 19.06 22.42
CA ALA B 191 20.25 18.98 22.54
C ALA B 191 19.83 17.53 22.71
N GLY B 192 19.15 17.24 23.83
CA GLY B 192 18.68 15.90 24.14
C GLY B 192 17.17 15.66 24.03
N VAL B 194 13.50 14.92 26.46
CA VAL B 194 12.82 14.90 27.73
C VAL B 194 11.67 13.90 27.63
N TRP B 196 8.31 12.54 30.09
CA TRP B 196 7.52 12.67 31.33
C TRP B 196 6.76 11.43 31.65
N ASP B 197 6.50 11.28 32.95
CA ASP B 197 5.76 10.18 33.47
C ASP B 197 4.28 10.47 33.22
N ASN B 198 3.87 10.42 31.96
CA ASN B 198 2.53 10.79 31.56
C ASN B 198 2.29 10.00 30.29
N ARG B 199 1.21 9.22 30.26
CA ARG B 199 0.92 8.36 29.12
C ARG B 199 -0.47 8.65 28.57
N PRO B 200 -0.58 9.63 27.68
CA PRO B 200 -1.86 9.92 26.98
C PRO B 200 -2.56 8.66 26.48
N GLU B 201 -3.88 8.58 26.68
CA GLU B 201 -4.70 7.40 26.37
C GLU B 201 -5.16 7.15 24.92
N SER B 202 -4.91 8.08 24.02
CA SER B 202 -5.36 7.98 22.63
C SER B 202 -4.80 9.18 21.92
N ARG B 203 -5.02 9.21 20.61
CA ARG B 203 -4.63 10.35 19.78
C ARG B 203 -5.39 11.66 20.13
N ALA B 204 -6.67 11.48 20.41
CA ALA B 204 -7.55 12.61 20.78
C ALA B 204 -6.97 13.28 22.04
N ALA B 205 -6.61 12.44 23.01
CA ALA B 205 -6.03 12.93 24.26
C ALA B 205 -4.76 13.71 23.98
N LEU B 206 -3.94 13.22 23.06
CA LEU B 206 -2.74 13.96 22.65
C LEU B 206 -3.09 15.25 21.87
N ASP B 207 -4.14 15.21 21.05
CA ASP B 207 -4.53 16.39 20.26
C ASP B 207 -4.96 17.51 21.25
N GLU B 208 -5.63 17.09 22.31
CA GLU B 208 -6.18 18.00 23.31
C GLU B 208 -5.08 18.73 24.10
N HIS B 210 -2.05 19.18 22.83
CA HIS B 210 -1.54 20.10 21.83
C HIS B 210 -2.36 21.37 21.85
N ALA B 211 -3.68 21.23 21.70
CA ALA B 211 -4.62 22.34 21.88
C ALA B 211 -4.28 23.18 23.13
N GLU B 212 -4.24 22.56 24.32
CA GLU B 212 -3.83 23.30 25.55
C GLU B 212 -2.46 24.03 25.44
N TYR B 213 -1.50 23.44 24.71
CA TYR B 213 -0.17 24.06 24.52
C TYR B 213 -0.26 25.23 23.54
N ARG B 214 -0.96 25.03 22.42
CA ARG B 214 -1.17 26.09 21.45
C ARG B 214 -2.46 26.86 21.77
N GLU B 215 -2.55 27.37 23.01
CA GLU B 215 -3.64 28.24 23.48
C GLU B 215 -3.20 28.89 24.79
N THR B 216 -2.15 28.32 25.41
CA THR B 216 -1.58 28.83 26.67
C THR B 216 -0.05 28.71 26.79
N GLY B 217 0.55 27.82 25.99
CA GLY B 217 2.00 27.60 26.03
C GLY B 217 2.48 26.52 26.99
N ALA B 218 1.62 26.17 27.96
CA ALA B 218 1.90 25.13 28.94
C ALA B 218 1.01 23.90 28.79
N ILE B 219 1.40 22.80 29.46
CA ILE B 219 0.51 21.66 29.67
C ILE B 219 0.42 21.50 31.18
N ALA B 220 -0.67 21.97 31.78
CA ALA B 220 -0.78 21.97 33.25
C ALA B 220 -0.28 20.67 33.87
N ALA B 221 -0.68 19.54 33.29
CA ALA B 221 -0.41 18.25 33.92
C ALA B 221 1.09 17.92 33.91
N LEU B 222 1.88 18.60 33.09
CA LEU B 222 3.31 18.29 33.06
C LEU B 222 4.12 18.91 34.24
N GLU B 223 3.43 19.72 35.04
CA GLU B 223 4.09 20.58 36.01
C GLU B 223 4.71 19.78 37.14
N ARG B 224 3.90 18.91 37.74
CA ARG B 224 4.35 18.07 38.84
C ARG B 224 4.63 16.64 38.37
N ALA B 225 4.64 16.43 37.05
CA ALA B 225 4.93 15.09 36.51
C ALA B 225 6.44 14.78 36.56
N ALA B 226 6.75 13.65 37.21
CA ALA B 226 8.10 13.12 37.25
C ALA B 226 8.71 13.13 35.83
N LYS B 227 10.01 13.38 35.72
CA LYS B 227 10.61 13.37 34.39
C LYS B 227 12.08 12.90 34.27
N ILE B 228 12.49 12.52 33.07
CA ILE B 228 13.86 12.01 32.84
C ILE B 228 14.48 12.89 31.79
N LEU B 230 17.49 12.94 29.01
CA LEU B 230 18.40 12.10 28.26
C LEU B 230 19.24 13.07 27.44
N LYS B 231 20.51 12.76 27.26
CA LYS B 231 21.37 13.48 26.35
C LYS B 231 22.18 12.55 25.48
N PRO B 232 21.49 11.88 24.52
CA PRO B 232 22.18 10.87 23.74
C PRO B 232 23.36 11.54 23.06
N GLN B 233 24.54 10.89 23.11
CA GLN B 233 25.71 11.33 22.31
C GLN B 233 25.85 10.51 21.00
N PRO B 234 26.68 10.97 20.05
CA PRO B 234 26.94 10.18 18.83
C PRO B 234 27.51 8.82 19.19
N GLY B 235 27.05 7.77 18.51
CA GLY B 235 27.39 6.38 18.82
C GLY B 235 26.48 5.72 19.84
N GLN B 236 25.64 6.54 20.48
CA GLN B 236 24.70 6.06 21.51
C GLN B 236 23.36 5.61 20.95
N LEU B 237 22.86 4.45 21.41
CA LEU B 237 21.53 3.99 21.03
C LEU B 237 20.61 4.28 22.23
N THR B 238 19.50 4.94 21.97
CA THR B 238 18.58 5.28 23.03
C THR B 238 17.35 4.41 22.79
N LEU B 239 16.97 3.64 23.82
CA LEU B 239 15.81 2.78 23.79
C LEU B 239 14.85 3.26 24.85
N PHE B 240 13.58 3.43 24.48
CA PHE B 240 12.67 4.01 25.48
C PHE B 240 11.23 3.58 25.31
N GLN B 241 10.44 3.64 26.37
CA GLN B 241 9.01 3.36 26.28
C GLN B 241 8.32 4.59 25.60
N SER B 242 7.89 4.42 24.37
CA SER B 242 7.46 5.57 23.53
C SER B 242 6.04 6.06 23.88
N LYS B 243 5.28 5.27 24.67
CA LYS B 243 3.94 5.68 25.15
C LYS B 243 4.04 6.82 26.17
N ASN B 244 5.20 7.00 26.78
CA ASN B 244 5.44 8.18 27.67
C ASN B 244 5.61 9.38 26.83
N LEU B 245 4.96 10.47 27.23
CA LEU B 245 5.15 11.71 26.52
C LEU B 245 6.65 12.10 26.48
N HIS B 246 7.14 12.59 25.34
CA HIS B 246 8.51 12.99 25.30
C HIS B 246 8.68 14.08 24.26
N ALA B 247 9.81 14.81 24.36
CA ALA B 247 10.14 15.82 23.33
C ALA B 247 11.63 15.96 23.13
N ILE B 248 11.98 16.16 21.87
CA ILE B 248 13.31 16.51 21.42
C ILE B 248 13.64 18.01 21.65
N GLU B 249 14.64 18.30 22.49
CA GLU B 249 15.10 19.69 22.70
C GLU B 249 15.52 20.34 21.36
N ARG B 250 15.32 21.67 21.23
CA ARG B 250 15.76 22.45 20.04
C ARG B 250 17.28 22.37 19.79
N CYS B 251 17.70 22.09 18.58
CA CYS B 251 19.14 21.99 18.29
C CYS B 251 19.75 23.28 17.69
N THR B 252 21.00 23.58 18.05
CA THR B 252 21.72 24.74 17.49
C THR B 252 22.41 24.36 16.21
N SER B 253 22.42 23.08 15.90
CA SER B 253 23.27 22.56 14.86
C SER B 253 22.68 21.25 14.30
N THR B 254 23.16 20.86 13.11
CA THR B 254 22.82 19.59 12.45
C THR B 254 22.84 18.42 13.46
N ARG B 255 21.71 17.68 13.50
CA ARG B 255 21.54 16.46 14.26
C ARG B 255 21.10 15.40 13.27
N ARG B 256 21.79 14.25 13.25
CA ARG B 256 21.40 13.09 12.41
C ARG B 256 21.16 11.84 13.28
N THR B 257 19.98 11.22 13.17
CA THR B 257 19.68 9.98 13.89
C THR B 257 19.13 8.95 12.95
N GLY B 259 16.28 5.68 13.26
CA GLY B 259 15.32 5.23 14.25
C GLY B 259 14.26 4.24 13.77
N LEU B 260 13.69 3.50 14.71
CA LEU B 260 12.56 2.63 14.47
C LEU B 260 11.82 2.42 15.78
N PHE B 261 10.79 1.57 15.74
CA PHE B 261 9.99 1.25 16.90
C PHE B 261 9.82 -0.25 16.97
N LEU B 262 9.52 -0.72 18.17
CA LEU B 262 9.42 -2.19 18.44
C LEU B 262 8.19 -2.44 19.22
N ILE B 263 7.45 -3.49 18.86
CA ILE B 263 6.38 -4.02 19.70
C ILE B 263 6.58 -5.49 19.81
N HIS B 264 6.18 -6.05 20.93
CA HIS B 264 6.41 -7.48 21.17
C HIS B 264 5.06 -8.12 20.95
N THR B 265 4.83 -8.69 19.77
CA THR B 265 3.48 -9.22 19.42
C THR B 265 3.43 -10.70 19.77
N GLU B 266 2.26 -11.30 19.56
CA GLU B 266 2.06 -12.73 19.79
C GLU B 266 2.99 -13.56 18.90
N ASP B 267 3.29 -13.09 17.70
CA ASP B 267 4.25 -13.83 16.87
C ASP B 267 5.73 -13.52 17.13
N GLY B 268 6.09 -12.80 18.21
CA GLY B 268 7.42 -12.19 18.28
C GLY B 268 7.59 -10.64 18.20
N TRP B 269 8.85 -10.24 18.26
CA TRP B 269 9.25 -8.81 18.15
C TRP B 269 9.06 -8.31 16.74
N ARG B 270 8.47 -7.12 16.56
CA ARG B 270 8.25 -6.58 15.19
C ARG B 270 8.74 -5.14 15.16
N PHE B 272 8.99 -1.33 13.03
CA PHE B 272 8.30 -0.47 12.06
C PHE B 272 8.72 0.96 12.36
N ASP B 273 8.55 1.81 11.39
CA ASP B 273 8.66 3.22 11.66
C ASP B 273 7.68 3.96 10.77
#